data_4EYK
#
_entry.id   4EYK
#
_cell.length_a   46.611
_cell.length_b   131.901
_cell.length_c   130.042
_cell.angle_alpha   90.000
_cell.angle_beta   90.000
_cell.angle_gamma   90.000
#
_symmetry.space_group_name_H-M   'C 2 2 21'
#
loop_
_entity.id
_entity.type
_entity.pdbx_description
1 polymer 'Twin-arginine translocation pathway signal'
2 non-polymer '3,4-DIHYDROXYBENZOIC ACID'
3 non-polymer 1,2-ETHANEDIOL
4 water water
#
_entity_poly.entity_id   1
_entity_poly.type   'polypeptide(L)'
_entity_poly.pdbx_seq_one_letter_code
;SNAEDTFKVGLIVP(MSE)TGGQASTGKQIDNAIKLYIKKHGDTVAGKKIEVILKDDAAIPDNTKRLAQELIVNDKVNVI
AGFGITPAALAAAPLATQAKVPEIV(MSE)AAGTSIITERSPYIVRTSFTLAQSSIIIGDWAAKNGIKKVATLTSDYAPG
NDALAFFKERFTAGGGEIVEEIKVPLANPDFAPFLQR(MSE)KDAKPDA(MSE)FVFVPAGQGGNF(MSE)KQFAERGLD
KSGIKVIGPGDV(MSE)DDDLLNS(MSE)GDAALGVVTAH(MSE)YSAAHPSA(MSE)NKEFVAAYKKEFGQRPGF
(MSE)AVGGYDGIHLVFEALKKTGGKADGDSLIAA(MSE)KG(MSE)KWESPRGPISIDPETRDIVQNIYIRKVEKVDGE
LYNIEFAKFDAVKDPGKTKK
;
_entity_poly.pdbx_strand_id   A
#
# COMPACT_ATOMS: atom_id res chain seq x y z
N GLU A 4 -27.88 8.98 -14.05
CA GLU A 4 -27.81 9.56 -15.43
C GLU A 4 -26.76 10.66 -15.53
N ASP A 5 -26.92 11.72 -14.75
CA ASP A 5 -25.89 12.76 -14.57
C ASP A 5 -25.01 12.38 -13.38
N THR A 6 -25.05 11.11 -13.03
CA THR A 6 -24.44 10.58 -11.84
C THR A 6 -23.41 9.53 -12.24
N PHE A 7 -22.31 9.49 -11.50
CA PHE A 7 -21.30 8.47 -11.67
C PHE A 7 -21.01 7.93 -10.28
N LYS A 8 -21.08 6.61 -10.11
CA LYS A 8 -20.98 6.03 -8.79
C LYS A 8 -19.73 5.17 -8.60
N VAL A 9 -19.05 5.37 -7.47
CA VAL A 9 -17.90 4.57 -7.07
C VAL A 9 -18.30 3.74 -5.86
N GLY A 10 -18.22 2.42 -6.00
CA GLY A 10 -18.45 1.50 -4.88
C GLY A 10 -17.15 1.25 -4.15
N LEU A 11 -17.00 1.87 -2.99
CA LEU A 11 -15.77 1.79 -2.21
C LEU A 11 -15.89 0.70 -1.15
N ILE A 12 -15.16 -0.40 -1.36
CA ILE A 12 -15.20 -1.57 -0.45
C ILE A 12 -13.84 -1.68 0.24
N VAL A 13 -13.82 -1.33 1.52
CA VAL A 13 -12.58 -1.27 2.30
C VAL A 13 -12.81 -1.76 3.72
N PRO A 14 -11.72 -2.15 4.43
CA PRO A 14 -11.94 -2.56 5.81
C PRO A 14 -12.08 -1.34 6.72
N THR A 16 -13.59 -1.80 9.79
CA THR A 16 -13.54 -2.44 11.10
C THR A 16 -12.62 -3.65 10.99
N GLY A 17 -12.33 -4.28 12.13
CA GLY A 17 -11.43 -5.43 12.17
C GLY A 17 -9.96 -5.04 12.14
N GLY A 18 -9.10 -6.03 11.94
CA GLY A 18 -7.66 -5.85 12.03
C GLY A 18 -7.08 -4.86 11.04
N GLN A 19 -7.65 -4.78 9.85
CA GLN A 19 -7.15 -3.83 8.86
C GLN A 19 -7.97 -2.55 8.79
N ALA A 20 -8.62 -2.16 9.89
CA ALA A 20 -9.45 -0.94 9.91
C ALA A 20 -8.67 0.33 9.50
N SER A 21 -7.39 0.40 9.85
CA SER A 21 -6.59 1.59 9.54
C SER A 21 -6.41 1.80 8.02
N THR A 22 -6.47 0.71 7.25
CA THR A 22 -6.42 0.80 5.80
C THR A 22 -7.66 1.51 5.25
N GLY A 23 -8.84 1.04 5.64
CA GLY A 23 -10.09 1.65 5.16
C GLY A 23 -10.25 3.07 5.66
N LYS A 24 -9.91 3.31 6.94
CA LYS A 24 -9.94 4.66 7.52
C LYS A 24 -9.13 5.61 6.64
N GLN A 25 -7.91 5.20 6.30
CA GLN A 25 -7.04 6.07 5.50
C GLN A 25 -7.57 6.32 4.10
N ILE A 26 -8.06 5.26 3.45
CA ILE A 26 -8.56 5.37 2.09
C ILE A 26 -9.83 6.23 2.06
N ASP A 27 -10.78 5.96 2.95
CA ASP A 27 -11.98 6.79 3.09
C ASP A 27 -11.64 8.28 3.30
N ASN A 28 -10.72 8.56 4.23
CA ASN A 28 -10.25 9.92 4.50
C ASN A 28 -9.63 10.60 3.29
N ALA A 29 -8.73 9.90 2.62
CA ALA A 29 -8.01 10.48 1.49
C ALA A 29 -8.97 10.84 0.35
N ILE A 30 -9.98 10.00 0.13
CA ILE A 30 -10.98 10.27 -0.91
C ILE A 30 -11.85 11.46 -0.51
N LYS A 31 -12.26 11.53 0.76
CA LYS A 31 -12.97 12.69 1.28
C LYS A 31 -12.15 13.97 1.10
N LEU A 32 -10.84 13.86 1.37
CA LEU A 32 -9.94 15.00 1.19
C LEU A 32 -9.84 15.40 -0.27
N TYR A 33 -9.68 14.41 -1.16
CA TYR A 33 -9.61 14.70 -2.59
C TYR A 33 -10.85 15.46 -3.08
N ILE A 34 -12.02 14.98 -2.70
CA ILE A 34 -13.27 15.61 -3.14
C ILE A 34 -13.44 17.01 -2.51
N LYS A 35 -13.03 17.16 -1.25
CA LYS A 35 -13.03 18.47 -0.61
C LYS A 35 -12.14 19.46 -1.40
N LYS A 36 -11.03 18.95 -1.94
CA LYS A 36 -10.08 19.82 -2.64
C LYS A 36 -10.39 20.02 -4.13
N HIS A 37 -11.08 19.05 -4.74
CA HIS A 37 -11.30 19.05 -6.19
C HIS A 37 -12.74 19.15 -6.59
N GLY A 38 -13.66 19.01 -5.63
CA GLY A 38 -15.09 18.96 -5.92
C GLY A 38 -15.55 17.57 -6.29
N ASP A 39 -16.86 17.40 -6.46
CA ASP A 39 -17.45 16.09 -6.75
C ASP A 39 -18.03 16.01 -8.17
N THR A 40 -17.64 16.93 -9.05
CA THR A 40 -18.20 16.98 -10.41
C THR A 40 -17.11 16.96 -11.47
N VAL A 41 -17.29 16.07 -12.45
CA VAL A 41 -16.32 15.91 -13.55
C VAL A 41 -17.04 15.57 -14.86
N ALA A 42 -16.72 16.33 -15.91
CA ALA A 42 -17.30 16.15 -17.25
C ALA A 42 -18.83 16.04 -17.24
N GLY A 43 -19.47 16.84 -16.41
CA GLY A 43 -20.93 16.88 -16.32
C GLY A 43 -21.56 15.83 -15.41
N LYS A 44 -20.72 15.05 -14.73
CA LYS A 44 -21.17 13.97 -13.83
C LYS A 44 -20.91 14.25 -12.34
N LYS A 45 -21.94 14.08 -11.52
CA LYS A 45 -21.78 14.15 -10.06
C LYS A 45 -21.29 12.80 -9.53
N ILE A 46 -20.09 12.81 -8.96
CA ILE A 46 -19.48 11.59 -8.38
C ILE A 46 -20.06 11.30 -7.01
N GLU A 47 -20.59 10.09 -6.85
N GLU A 47 -20.55 10.08 -6.83
CA GLU A 47 -21.05 9.58 -5.57
CA GLU A 47 -21.07 9.62 -5.54
C GLU A 47 -20.13 8.45 -5.14
C GLU A 47 -20.31 8.39 -5.06
N VAL A 48 -19.68 8.51 -3.89
CA VAL A 48 -18.87 7.43 -3.31
C VAL A 48 -19.72 6.69 -2.30
N ILE A 49 -19.93 5.40 -2.53
CA ILE A 49 -20.74 4.57 -1.66
C ILE A 49 -19.80 3.67 -0.85
N LEU A 50 -19.68 3.94 0.45
CA LEU A 50 -18.76 3.22 1.32
C LEU A 50 -19.39 1.92 1.85
N LYS A 51 -18.69 0.80 1.68
CA LYS A 51 -19.09 -0.47 2.29
C LYS A 51 -17.91 -1.10 3.01
N ASP A 52 -18.14 -1.55 4.23
CA ASP A 52 -17.11 -2.12 5.08
C ASP A 52 -17.12 -3.61 4.90
N ASP A 53 -16.04 -4.17 4.36
CA ASP A 53 -15.94 -5.62 4.21
C ASP A 53 -15.22 -6.28 5.40
N ALA A 54 -14.66 -5.45 6.28
CA ALA A 54 -13.82 -5.90 7.41
C ALA A 54 -12.66 -6.80 6.94
N ALA A 55 -12.24 -6.62 5.68
CA ALA A 55 -11.17 -7.43 5.09
C ALA A 55 -11.50 -8.93 5.08
N ILE A 56 -12.78 -9.27 5.09
CA ILE A 56 -13.20 -10.67 4.91
C ILE A 56 -13.64 -10.83 3.46
N PRO A 57 -12.91 -11.66 2.68
CA PRO A 57 -13.21 -11.73 1.24
C PRO A 57 -14.61 -12.23 0.86
N ASP A 58 -15.26 -13.04 1.72
CA ASP A 58 -16.68 -13.39 1.50
C ASP A 58 -17.54 -12.13 1.47
N ASN A 59 -17.25 -11.20 2.37
CA ASN A 59 -17.99 -9.94 2.43
C ASN A 59 -17.66 -9.09 1.22
N THR A 60 -16.39 -9.09 0.81
CA THR A 60 -15.96 -8.30 -0.35
C THR A 60 -16.78 -8.69 -1.59
N LYS A 61 -16.88 -10.00 -1.82
CA LYS A 61 -17.62 -10.55 -2.96
C LYS A 61 -19.09 -10.17 -2.90
N ARG A 62 -19.73 -10.37 -1.74
CA ARG A 62 -21.16 -10.06 -1.56
C ARG A 62 -21.40 -8.56 -1.75
N LEU A 63 -20.53 -7.74 -1.18
CA LEU A 63 -20.65 -6.29 -1.32
C LEU A 63 -20.44 -5.80 -2.75
N ALA A 64 -19.45 -6.38 -3.45
CA ALA A 64 -19.20 -6.00 -4.84
C ALA A 64 -20.42 -6.33 -5.73
N GLN A 65 -21.02 -7.48 -5.47
CA GLN A 65 -22.24 -7.87 -6.20
C GLN A 65 -23.40 -6.90 -5.93
N GLU A 66 -23.62 -6.54 -4.66
N GLU A 66 -23.61 -6.54 -4.65
CA GLU A 66 -24.67 -5.59 -4.29
CA GLU A 66 -24.67 -5.61 -4.27
C GLU A 66 -24.46 -4.24 -4.98
C GLU A 66 -24.48 -4.20 -4.88
N LEU A 67 -23.23 -3.76 -4.95
CA LEU A 67 -22.89 -2.45 -5.55
C LEU A 67 -23.06 -2.41 -7.05
N ILE A 68 -22.62 -3.48 -7.72
CA ILE A 68 -22.73 -3.60 -9.18
C ILE A 68 -24.17 -3.83 -9.63
N VAL A 69 -24.86 -4.80 -9.02
CA VAL A 69 -26.20 -5.20 -9.48
C VAL A 69 -27.32 -4.29 -8.94
N ASN A 70 -27.26 -3.96 -7.65
CA ASN A 70 -28.34 -3.15 -7.07
C ASN A 70 -28.11 -1.65 -7.20
N ASP A 71 -26.89 -1.19 -6.96
CA ASP A 71 -26.58 0.24 -7.01
C ASP A 71 -26.08 0.68 -8.37
N LYS A 72 -25.79 -0.29 -9.23
CA LYS A 72 -25.33 -0.04 -10.61
C LYS A 72 -24.11 0.86 -10.64
N VAL A 73 -23.17 0.65 -9.72
CA VAL A 73 -21.96 1.49 -9.68
C VAL A 73 -21.20 1.35 -11.00
N ASN A 74 -20.42 2.37 -11.34
CA ASN A 74 -19.62 2.39 -12.55
C ASN A 74 -18.21 1.86 -12.30
N VAL A 75 -17.76 1.98 -11.05
CA VAL A 75 -16.43 1.53 -10.64
C VAL A 75 -16.55 0.91 -9.25
N ILE A 76 -15.77 -0.14 -8.99
CA ILE A 76 -15.52 -0.56 -7.62
C ILE A 76 -14.08 -0.23 -7.26
N ALA A 77 -13.85 0.12 -6.00
CA ALA A 77 -12.52 0.58 -5.60
C ALA A 77 -12.23 0.17 -4.16
N GLY A 78 -10.94 0.17 -3.81
CA GLY A 78 -10.52 -0.08 -2.44
C GLY A 78 -9.67 -1.33 -2.40
N PHE A 79 -10.21 -2.37 -1.74
CA PHE A 79 -9.61 -3.72 -1.64
C PHE A 79 -8.39 -3.74 -0.75
N GLY A 80 -8.67 -3.81 0.55
CA GLY A 80 -7.68 -3.57 1.59
C GLY A 80 -6.63 -4.64 1.76
N ILE A 81 -6.96 -5.87 1.34
CA ILE A 81 -6.02 -7.00 1.37
C ILE A 81 -6.14 -7.78 0.05
N THR A 82 -5.11 -8.57 -0.28
CA THR A 82 -5.08 -9.30 -1.55
C THR A 82 -6.31 -10.19 -1.78
N PRO A 83 -6.69 -11.03 -0.79
CA PRO A 83 -7.91 -11.84 -0.97
C PRO A 83 -9.16 -11.02 -1.34
N ALA A 84 -9.28 -9.79 -0.85
CA ALA A 84 -10.43 -8.95 -1.20
C ALA A 84 -10.42 -8.54 -2.68
N ALA A 85 -9.25 -8.10 -3.16
CA ALA A 85 -9.09 -7.75 -4.58
C ALA A 85 -9.44 -8.95 -5.46
N LEU A 86 -8.96 -10.14 -5.07
CA LEU A 86 -9.17 -11.37 -5.84
C LEU A 86 -10.61 -11.84 -5.78
N ALA A 87 -11.25 -11.64 -4.64
CA ALA A 87 -12.66 -12.04 -4.49
C ALA A 87 -13.58 -11.27 -5.45
N ALA A 88 -13.27 -9.99 -5.67
CA ALA A 88 -14.11 -9.12 -6.50
C ALA A 88 -13.80 -9.19 -8.00
N ALA A 89 -12.61 -9.70 -8.35
CA ALA A 89 -12.13 -9.74 -9.74
C ALA A 89 -13.10 -10.41 -10.73
N PRO A 90 -13.70 -11.57 -10.36
CA PRO A 90 -14.63 -12.18 -11.33
C PRO A 90 -15.84 -11.30 -11.66
N LEU A 91 -16.38 -10.61 -10.66
CA LEU A 91 -17.55 -9.73 -10.89
C LEU A 91 -17.19 -8.50 -11.72
N ALA A 92 -15.99 -7.95 -11.48
CA ALA A 92 -15.50 -6.82 -12.27
C ALA A 92 -15.39 -7.22 -13.73
N THR A 93 -14.86 -8.41 -13.97
CA THR A 93 -14.69 -8.93 -15.33
C THR A 93 -16.05 -9.16 -15.98
N GLN A 94 -16.92 -9.87 -15.27
CA GLN A 94 -18.25 -10.21 -15.81
C GLN A 94 -19.09 -8.96 -16.10
N ALA A 95 -19.05 -7.99 -15.21
CA ALA A 95 -19.82 -6.75 -15.37
C ALA A 95 -19.11 -5.65 -16.15
N LYS A 96 -17.85 -5.89 -16.52
CA LYS A 96 -16.99 -4.87 -17.19
C LYS A 96 -16.97 -3.57 -16.40
N VAL A 97 -16.70 -3.71 -15.12
CA VAL A 97 -16.65 -2.58 -14.19
C VAL A 97 -15.19 -2.47 -13.72
N PRO A 98 -14.54 -1.31 -13.92
CA PRO A 98 -13.16 -1.17 -13.42
C PRO A 98 -13.06 -1.41 -11.92
N GLU A 99 -12.02 -2.12 -11.52
CA GLU A 99 -11.74 -2.43 -10.13
C GLU A 99 -10.43 -1.72 -9.77
N ILE A 100 -10.53 -0.68 -8.95
CA ILE A 100 -9.37 0.18 -8.65
C ILE A 100 -8.77 -0.28 -7.33
N VAL A 101 -7.63 -0.96 -7.42
CA VAL A 101 -7.00 -1.51 -6.22
C VAL A 101 -6.11 -0.43 -5.61
N ALA A 103 -4.95 -0.53 -2.30
CA ALA A 103 -4.23 -1.05 -1.14
C ALA A 103 -3.44 -2.32 -1.47
N ALA A 104 -4.15 -3.39 -1.86
CA ALA A 104 -3.53 -4.73 -1.97
C ALA A 104 -2.29 -4.74 -2.88
N GLY A 105 -1.27 -5.50 -2.47
CA GLY A 105 0.06 -5.39 -3.07
C GLY A 105 0.67 -6.63 -3.69
N THR A 106 -0.12 -7.68 -3.95
CA THR A 106 0.40 -8.92 -4.55
C THR A 106 0.54 -8.71 -6.05
N SER A 107 1.69 -9.11 -6.62
CA SER A 107 1.99 -8.86 -8.03
C SER A 107 0.91 -9.36 -9.01
N ILE A 108 0.43 -10.59 -8.80
CA ILE A 108 -0.50 -11.21 -9.79
C ILE A 108 -1.89 -10.58 -9.86
N ILE A 109 -2.23 -9.75 -8.88
CA ILE A 109 -3.58 -9.18 -8.83
C ILE A 109 -4.06 -8.57 -10.16
N THR A 110 -3.22 -7.77 -10.82
CA THR A 110 -3.61 -7.12 -12.07
C THR A 110 -3.84 -8.15 -13.20
N GLU A 111 -3.28 -9.35 -13.08
CA GLU A 111 -3.48 -10.38 -14.08
C GLU A 111 -4.80 -11.13 -13.91
N ARG A 112 -5.50 -10.87 -12.82
N ARG A 112 -5.51 -10.88 -12.82
CA ARG A 112 -6.69 -11.65 -12.48
CA ARG A 112 -6.70 -11.66 -12.50
C ARG A 112 -8.00 -11.05 -12.99
C ARG A 112 -8.00 -11.06 -13.02
N SER A 113 -7.90 -9.90 -13.66
CA SER A 113 -9.02 -9.26 -14.37
C SER A 113 -8.46 -8.19 -15.31
N PRO A 114 -8.93 -8.14 -16.57
CA PRO A 114 -8.49 -7.04 -17.45
C PRO A 114 -9.09 -5.68 -17.08
N TYR A 115 -9.96 -5.67 -16.07
CA TYR A 115 -10.58 -4.44 -15.59
C TYR A 115 -9.96 -3.93 -14.29
N ILE A 116 -8.94 -4.62 -13.80
CA ILE A 116 -8.19 -4.15 -12.62
C ILE A 116 -7.14 -3.09 -13.00
N VAL A 117 -7.12 -1.99 -12.24
CA VAL A 117 -6.03 -1.02 -12.29
C VAL A 117 -5.62 -0.74 -10.84
N ARG A 118 -4.33 -0.58 -10.60
CA ARG A 118 -3.82 -0.46 -9.24
C ARG A 118 -3.07 0.85 -9.04
N THR A 119 -3.35 1.51 -7.91
CA THR A 119 -2.68 2.76 -7.54
C THR A 119 -1.92 2.65 -6.20
N SER A 120 -1.77 1.44 -5.67
CA SER A 120 -0.97 1.25 -4.45
C SER A 120 0.48 0.91 -4.80
N PHE A 121 0.79 -0.38 -4.95
CA PHE A 121 2.18 -0.84 -5.05
C PHE A 121 2.16 -2.34 -5.25
N THR A 122 3.31 -2.92 -5.56
CA THR A 122 3.48 -4.34 -5.32
C THR A 122 4.60 -4.50 -4.30
N LEU A 123 4.53 -5.59 -3.53
CA LEU A 123 5.58 -5.88 -2.55
C LEU A 123 6.90 -6.08 -3.26
N ALA A 124 6.88 -6.68 -4.44
CA ALA A 124 8.12 -6.90 -5.20
C ALA A 124 8.88 -5.59 -5.51
N GLN A 125 8.14 -4.51 -5.79
CA GLN A 125 8.77 -3.23 -6.11
C GLN A 125 9.71 -2.77 -4.98
N SER A 126 9.27 -2.86 -3.73
CA SER A 126 10.11 -2.45 -2.60
C SER A 126 11.09 -3.53 -2.18
N SER A 127 10.67 -4.79 -2.28
CA SER A 127 11.45 -5.90 -1.73
C SER A 127 12.75 -6.13 -2.51
N ILE A 128 12.72 -5.91 -3.82
CA ILE A 128 13.97 -6.06 -4.60
C ILE A 128 14.97 -5.00 -4.20
N ILE A 129 14.49 -3.80 -3.87
CA ILE A 129 15.35 -2.66 -3.58
C ILE A 129 16.02 -2.84 -2.21
N ILE A 130 15.22 -3.21 -1.20
CA ILE A 130 15.80 -3.45 0.13
C ILE A 130 16.72 -4.69 0.13
N GLY A 131 16.43 -5.68 -0.71
CA GLY A 131 17.32 -6.83 -0.86
C GLY A 131 18.70 -6.43 -1.43
N ASP A 132 18.69 -5.63 -2.49
CA ASP A 132 19.94 -5.12 -3.08
C ASP A 132 20.73 -4.26 -2.07
N TRP A 133 20.01 -3.37 -1.39
CA TRP A 133 20.63 -2.48 -0.41
C TRP A 133 21.28 -3.23 0.75
N ALA A 134 20.57 -4.20 1.34
CA ALA A 134 21.09 -4.99 2.44
C ALA A 134 22.39 -5.70 2.07
N ALA A 135 22.40 -6.36 0.90
CA ALA A 135 23.61 -7.04 0.40
C ALA A 135 24.79 -6.08 0.19
N LYS A 136 24.52 -4.91 -0.37
CA LYS A 136 25.57 -3.94 -0.68
C LYS A 136 26.05 -3.21 0.57
N ASN A 137 25.32 -3.35 1.66
CA ASN A 137 25.67 -2.65 2.90
C ASN A 137 26.14 -3.55 4.04
N GLY A 138 26.76 -4.66 3.69
CA GLY A 138 27.47 -5.50 4.66
C GLY A 138 26.60 -6.30 5.61
N ILE A 139 25.30 -6.35 5.36
CA ILE A 139 24.41 -7.25 6.11
C ILE A 139 24.56 -8.65 5.52
N LYS A 140 25.09 -9.59 6.31
CA LYS A 140 25.42 -10.94 5.79
C LYS A 140 24.35 -11.99 6.08
N LYS A 141 23.78 -11.94 7.29
CA LYS A 141 22.88 -12.99 7.75
C LYS A 141 21.56 -12.35 8.14
N VAL A 142 20.48 -12.76 7.49
CA VAL A 142 19.15 -12.19 7.75
C VAL A 142 18.17 -13.29 8.13
N ALA A 143 17.35 -13.02 9.14
CA ALA A 143 16.15 -13.81 9.44
C ALA A 143 14.93 -13.04 8.91
N THR A 144 13.95 -13.76 8.36
CA THR A 144 12.76 -13.10 7.83
C THR A 144 11.52 -13.38 8.71
N LEU A 145 10.67 -12.36 8.81
CA LEU A 145 9.37 -12.49 9.46
C LEU A 145 8.36 -11.86 8.50
N THR A 146 7.48 -12.68 7.91
CA THR A 146 6.51 -12.17 6.95
C THR A 146 5.11 -12.70 7.26
N SER A 147 4.12 -11.84 7.09
N SER A 147 4.11 -11.85 7.09
CA SER A 147 2.71 -12.21 7.20
CA SER A 147 2.73 -12.27 7.25
C SER A 147 2.44 -13.41 6.29
C SER A 147 2.45 -13.42 6.30
N ASP A 148 1.73 -14.41 6.83
CA ASP A 148 1.55 -15.70 6.16
C ASP A 148 0.44 -15.70 5.10
N TYR A 149 0.55 -14.82 4.11
CA TYR A 149 -0.36 -14.85 2.98
C TYR A 149 0.30 -14.18 1.79
N ALA A 150 -0.40 -14.11 0.66
CA ALA A 150 0.21 -13.71 -0.62
C ALA A 150 1.27 -12.57 -0.63
N PRO A 151 0.93 -11.36 -0.13
CA PRO A 151 1.93 -10.27 -0.24
C PRO A 151 3.18 -10.56 0.59
N GLY A 152 3.03 -11.29 1.69
CA GLY A 152 4.19 -11.71 2.50
C GLY A 152 5.08 -12.68 1.75
N ASN A 153 4.47 -13.58 1.01
CA ASN A 153 5.23 -14.52 0.20
C ASN A 153 5.95 -13.82 -0.96
N ASP A 154 5.32 -12.81 -1.56
CA ASP A 154 5.99 -11.98 -2.57
C ASP A 154 7.19 -11.25 -1.93
N ALA A 155 6.94 -10.61 -0.79
CA ALA A 155 7.99 -9.86 -0.10
C ALA A 155 9.21 -10.75 0.14
N LEU A 156 8.95 -11.94 0.69
CA LEU A 156 10.01 -12.91 0.99
C LEU A 156 10.76 -13.35 -0.27
N ALA A 157 10.02 -13.72 -1.32
CA ALA A 157 10.60 -14.28 -2.56
C ALA A 157 11.51 -13.28 -3.24
N PHE A 158 11.03 -12.04 -3.36
CA PHE A 158 11.77 -11.01 -4.06
C PHE A 158 12.95 -10.48 -3.27
N PHE A 159 12.77 -10.34 -1.95
CA PHE A 159 13.88 -9.97 -1.09
C PHE A 159 14.99 -11.03 -1.17
N LYS A 160 14.61 -12.29 -0.98
CA LYS A 160 15.55 -13.41 -0.96
C LYS A 160 16.33 -13.48 -2.28
N GLU A 161 15.63 -13.36 -3.40
CA GLU A 161 16.28 -13.41 -4.71
C GLU A 161 17.43 -12.39 -4.80
N ARG A 162 17.15 -11.12 -4.48
CA ARG A 162 18.17 -10.08 -4.65
C ARG A 162 19.22 -10.13 -3.54
N PHE A 163 18.77 -10.39 -2.32
CA PHE A 163 19.68 -10.44 -1.19
C PHE A 163 20.71 -11.58 -1.36
N THR A 164 20.23 -12.76 -1.70
CA THR A 164 21.15 -13.89 -1.92
C THR A 164 22.03 -13.69 -3.17
N ALA A 165 21.47 -13.10 -4.24
CA ALA A 165 22.28 -12.75 -5.42
C ALA A 165 23.46 -11.84 -5.06
N GLY A 166 23.25 -10.99 -4.06
CA GLY A 166 24.31 -10.08 -3.59
C GLY A 166 25.25 -10.68 -2.56
N GLY A 167 25.10 -11.98 -2.30
CA GLY A 167 25.96 -12.68 -1.35
C GLY A 167 25.39 -12.84 0.05
N GLY A 168 24.16 -12.39 0.28
CA GLY A 168 23.55 -12.53 1.59
C GLY A 168 23.06 -13.95 1.86
N GLU A 169 22.87 -14.26 3.13
CA GLU A 169 22.32 -15.57 3.55
C GLU A 169 21.05 -15.38 4.39
N ILE A 170 19.97 -16.06 4.01
CA ILE A 170 18.78 -16.17 4.88
C ILE A 170 18.97 -17.35 5.82
N VAL A 171 19.01 -17.08 7.12
CA VAL A 171 19.30 -18.12 8.10
C VAL A 171 18.02 -18.79 8.62
N GLU A 172 16.90 -18.07 8.55
CA GLU A 172 15.63 -18.59 9.03
C GLU A 172 14.48 -17.78 8.46
N GLU A 173 13.35 -18.44 8.19
CA GLU A 173 12.15 -17.81 7.66
C GLU A 173 10.96 -18.14 8.56
N ILE A 174 10.40 -17.13 9.19
CA ILE A 174 9.25 -17.31 10.08
C ILE A 174 8.03 -16.59 9.48
N LYS A 175 6.86 -17.21 9.56
CA LYS A 175 5.63 -16.57 9.12
C LYS A 175 4.61 -16.46 10.24
N VAL A 176 3.89 -15.36 10.27
CA VAL A 176 2.85 -15.15 11.28
C VAL A 176 1.49 -14.90 10.60
N PRO A 177 0.39 -15.28 11.25
CA PRO A 177 -0.92 -15.09 10.64
C PRO A 177 -1.24 -13.62 10.39
N LEU A 178 -2.05 -13.37 9.36
CA LEU A 178 -2.62 -12.04 9.13
C LEU A 178 -3.42 -11.57 10.36
N ALA A 179 -4.29 -12.44 10.88
CA ALA A 179 -5.18 -12.10 11.98
C ALA A 179 -4.47 -12.32 13.33
N ASN A 180 -4.47 -11.27 14.14
CA ASN A 180 -3.87 -11.30 15.50
C ASN A 180 -2.53 -12.01 15.64
N PRO A 181 -1.52 -11.59 14.88
CA PRO A 181 -0.22 -12.22 15.01
C PRO A 181 0.39 -12.00 16.41
N ASP A 182 1.12 -13.00 16.90
CA ASP A 182 1.94 -12.84 18.11
C ASP A 182 3.40 -12.82 17.68
N PHE A 183 4.04 -11.66 17.84
CA PHE A 183 5.41 -11.47 17.41
C PHE A 183 6.41 -11.93 18.45
N ALA A 184 5.93 -12.16 19.68
CA ALA A 184 6.82 -12.57 20.78
C ALA A 184 7.77 -13.73 20.44
N PRO A 185 7.24 -14.88 19.94
CA PRO A 185 8.16 -16.01 19.66
C PRO A 185 9.25 -15.74 18.61
N PHE A 186 8.93 -15.06 17.52
CA PHE A 186 9.95 -14.66 16.54
C PHE A 186 11.03 -13.81 17.22
N LEU A 187 10.59 -12.85 18.03
CA LEU A 187 11.47 -11.89 18.64
C LEU A 187 12.34 -12.55 19.71
N GLN A 188 11.81 -13.57 20.36
CA GLN A 188 12.58 -14.38 21.30
C GLN A 188 13.70 -15.14 20.59
N ARG A 189 13.36 -15.79 19.48
CA ARG A 189 14.35 -16.46 18.63
C ARG A 189 15.45 -15.49 18.21
N LYS A 191 16.52 -12.81 19.82
CA LYS A 191 17.38 -12.55 20.98
C LYS A 191 18.49 -13.59 21.11
N ASP A 192 18.13 -14.84 20.81
CA ASP A 192 19.05 -15.98 20.91
C ASP A 192 19.90 -16.19 19.65
N ALA A 193 19.29 -16.06 18.47
CA ALA A 193 19.97 -16.33 17.18
C ALA A 193 20.82 -15.18 16.65
N LYS A 194 20.48 -13.96 17.07
CA LYS A 194 21.20 -12.74 16.68
C LYS A 194 21.74 -12.73 15.24
N PRO A 195 20.84 -12.68 14.24
CA PRO A 195 21.33 -12.45 12.88
C PRO A 195 21.80 -10.99 12.73
N ASP A 196 22.39 -10.63 11.59
CA ASP A 196 22.77 -9.22 11.34
C ASP A 196 21.55 -8.32 11.25
N ALA A 197 20.47 -8.83 10.68
CA ALA A 197 19.25 -8.06 10.54
C ALA A 197 18.02 -8.97 10.47
N PHE A 199 14.40 -9.03 8.39
CA PHE A 199 13.59 -8.47 7.31
C PHE A 199 12.15 -8.74 7.73
N VAL A 200 11.32 -7.70 7.78
CA VAL A 200 9.97 -7.82 8.34
C VAL A 200 8.92 -7.26 7.37
N PHE A 201 7.98 -8.10 6.96
CA PHE A 201 6.79 -7.59 6.32
C PHE A 201 5.60 -7.89 7.21
N VAL A 202 4.88 -6.85 7.60
CA VAL A 202 3.56 -7.01 8.19
C VAL A 202 2.72 -5.94 7.48
N PRO A 203 1.40 -6.19 7.32
CA PRO A 203 0.57 -5.22 6.57
C PRO A 203 0.36 -3.92 7.33
N ALA A 204 -0.10 -2.88 6.63
CA ALA A 204 -0.51 -1.62 7.26
C ALA A 204 -1.31 -1.91 8.51
N GLY A 205 -1.03 -1.17 9.60
CA GLY A 205 -1.79 -1.29 10.83
C GLY A 205 -1.13 -2.13 11.90
N GLN A 206 -0.12 -2.92 11.52
CA GLN A 206 0.52 -3.86 12.44
C GLN A 206 1.93 -3.51 12.91
N GLY A 207 2.59 -2.58 12.23
CA GLY A 207 3.97 -2.23 12.56
C GLY A 207 4.19 -1.69 13.97
N GLY A 208 3.18 -0.99 14.49
CA GLY A 208 3.22 -0.45 15.86
C GLY A 208 3.25 -1.57 16.87
N ASN A 209 2.37 -2.56 16.68
CA ASN A 209 2.33 -3.73 17.54
C ASN A 209 3.64 -4.49 17.47
N PHE A 210 4.19 -4.64 16.25
CA PHE A 210 5.48 -5.30 16.10
C PHE A 210 6.57 -4.57 16.90
N LYS A 212 6.35 -2.50 19.41
N LYS A 212 6.34 -2.49 19.39
CA LYS A 212 6.11 -2.55 20.86
CA LYS A 212 6.07 -2.57 20.83
C LYS A 212 6.68 -3.84 21.45
C LYS A 212 6.69 -3.83 21.44
N GLN A 213 6.46 -4.97 20.78
CA GLN A 213 6.99 -6.25 21.27
C GLN A 213 8.52 -6.32 21.06
N PHE A 214 9.00 -5.72 19.97
CA PHE A 214 10.43 -5.53 19.71
C PHE A 214 11.09 -4.80 20.89
N ALA A 215 10.52 -3.65 21.27
CA ALA A 215 11.05 -2.85 22.38
C ALA A 215 10.91 -3.57 23.72
N GLU A 216 9.76 -4.22 23.94
CA GLU A 216 9.54 -4.99 25.17
C GLU A 216 10.59 -6.09 25.38
N ARG A 217 11.13 -6.64 24.31
CA ARG A 217 12.15 -7.67 24.43
C ARG A 217 13.58 -7.13 24.33
N GLY A 218 13.71 -5.80 24.38
CA GLY A 218 15.01 -5.13 24.42
C GLY A 218 15.84 -5.27 23.14
N LEU A 219 15.19 -5.62 22.03
CA LEU A 219 15.90 -5.84 20.77
C LEU A 219 16.53 -4.55 20.22
N ASP A 220 16.07 -3.42 20.74
N ASP A 220 16.00 -3.42 20.69
CA ASP A 220 16.68 -2.11 20.52
CA ASP A 220 16.67 -2.12 20.72
C ASP A 220 18.17 -2.08 20.92
C ASP A 220 18.17 -2.26 20.79
N LYS A 221 18.59 -2.96 21.83
CA LYS A 221 19.98 -2.99 22.28
C LYS A 221 20.81 -4.12 21.69
N SER A 222 20.16 -4.97 20.90
CA SER A 222 20.77 -6.21 20.43
C SER A 222 21.77 -6.05 19.29
N GLY A 223 21.78 -4.87 18.66
CA GLY A 223 22.57 -4.67 17.45
C GLY A 223 21.98 -5.36 16.21
N ILE A 224 20.77 -5.89 16.32
CA ILE A 224 20.10 -6.46 15.16
C ILE A 224 19.36 -5.34 14.41
N LYS A 225 19.70 -5.13 13.14
CA LYS A 225 19.03 -4.10 12.31
C LYS A 225 17.65 -4.59 11.89
N VAL A 226 16.71 -3.67 11.73
CA VAL A 226 15.40 -3.98 11.19
C VAL A 226 15.35 -3.39 9.80
N ILE A 227 15.02 -4.23 8.80
CA ILE A 227 14.88 -3.77 7.42
C ILE A 227 13.58 -4.35 6.86
N GLY A 228 13.08 -3.76 5.78
CA GLY A 228 11.97 -4.40 5.08
C GLY A 228 11.40 -3.49 4.02
N PRO A 229 10.31 -3.92 3.36
CA PRO A 229 9.53 -2.93 2.63
C PRO A 229 8.92 -1.99 3.68
N GLY A 230 8.38 -0.84 3.27
CA GLY A 230 7.99 0.16 4.24
C GLY A 230 6.70 -0.07 5.02
N ASP A 231 6.00 -1.17 4.74
CA ASP A 231 4.70 -1.43 5.39
C ASP A 231 4.81 -1.41 6.91
N VAL A 232 5.85 -2.04 7.45
CA VAL A 232 6.07 -2.06 8.92
C VAL A 232 6.25 -0.64 9.50
N ASP A 234 4.75 2.10 8.66
CA ASP A 234 3.55 2.77 8.19
C ASP A 234 3.44 4.17 8.82
N ASP A 235 3.44 5.22 7.99
CA ASP A 235 3.30 6.59 8.49
C ASP A 235 2.03 6.86 9.30
N ASP A 236 0.97 6.08 9.07
CA ASP A 236 -0.23 6.16 9.91
C ASP A 236 0.10 5.80 11.36
N LEU A 237 1.17 5.04 11.56
CA LEU A 237 1.53 4.52 12.90
C LEU A 237 2.82 5.10 13.51
N LEU A 238 3.64 5.73 12.68
N LEU A 238 3.67 5.70 12.68
CA LEU A 238 4.95 6.21 13.12
CA LEU A 238 4.98 6.17 13.16
C LEU A 238 4.91 7.11 14.35
C LEU A 238 4.93 7.11 14.37
N ASN A 239 3.91 8.00 14.41
CA ASN A 239 3.69 8.93 15.54
C ASN A 239 3.51 8.25 16.88
N SER A 240 3.11 6.99 16.86
CA SER A 240 2.81 6.26 18.08
C SER A 240 3.99 5.37 18.55
N GLY A 242 7.97 4.35 19.73
CA GLY A 242 9.02 4.92 20.59
C GLY A 242 10.37 4.95 19.90
N ASP A 243 11.40 5.29 20.67
CA ASP A 243 12.72 5.49 20.11
C ASP A 243 13.36 4.21 19.54
N ALA A 244 12.84 3.03 19.89
CA ALA A 244 13.32 1.78 19.29
C ALA A 244 13.22 1.77 17.76
N ALA A 245 12.31 2.56 17.19
CA ALA A 245 12.14 2.60 15.74
C ALA A 245 13.23 3.42 15.04
N LEU A 246 13.97 4.23 15.80
CA LEU A 246 15.01 5.07 15.18
C LEU A 246 16.00 4.19 14.44
N GLY A 247 16.34 4.56 13.20
CA GLY A 247 17.31 3.78 12.43
C GLY A 247 16.77 2.60 11.63
N VAL A 248 15.49 2.28 11.73
CA VAL A 248 14.92 1.25 10.86
C VAL A 248 15.04 1.69 9.40
N VAL A 249 15.51 0.80 8.54
CA VAL A 249 15.70 1.14 7.13
C VAL A 249 14.72 0.35 6.27
N THR A 250 13.87 1.06 5.51
CA THR A 250 12.90 0.39 4.64
C THR A 250 12.89 1.00 3.25
N ALA A 251 12.47 0.22 2.26
CA ALA A 251 12.24 0.74 0.91
C ALA A 251 10.74 0.84 0.72
N HIS A 252 10.25 1.93 0.15
CA HIS A 252 8.82 2.02 -0.08
C HIS A 252 8.50 3.09 -1.07
N TYR A 254 6.13 5.47 -0.67
CA TYR A 254 5.63 6.71 -0.05
C TYR A 254 6.20 6.97 1.35
N SER A 255 6.58 8.21 1.60
CA SER A 255 6.85 8.69 2.94
C SER A 255 6.12 10.01 3.17
N ALA A 256 5.53 10.17 4.34
CA ALA A 256 4.96 11.46 4.71
C ALA A 256 6.04 12.57 4.68
N ALA A 257 7.32 12.21 4.77
CA ALA A 257 8.40 13.20 4.70
C ALA A 257 8.96 13.44 3.27
N HIS A 258 8.29 12.90 2.24
CA HIS A 258 8.74 13.15 0.87
C HIS A 258 8.76 14.65 0.66
N PRO A 259 9.93 15.19 0.26
N PRO A 259 9.87 15.22 0.17
CA PRO A 259 10.04 16.62 0.11
CA PRO A 259 10.01 16.70 0.27
C PRO A 259 9.65 17.03 -1.30
C PRO A 259 9.35 17.57 -0.81
N SER A 260 8.35 17.15 -1.53
N SER A 260 8.50 17.00 -1.65
CA SER A 260 7.88 17.80 -2.73
CA SER A 260 7.91 17.77 -2.75
C SER A 260 6.83 18.78 -2.27
C SER A 260 6.86 18.79 -2.26
N ALA A 261 6.64 19.84 -3.06
CA ALA A 261 5.59 20.83 -2.76
C ALA A 261 4.21 20.14 -2.68
N ASN A 263 3.50 16.97 -1.90
CA ASN A 263 3.38 16.24 -0.65
C ASN A 263 3.26 17.14 0.58
N LYS A 264 4.02 18.22 0.61
CA LYS A 264 3.87 19.22 1.69
C LYS A 264 2.41 19.69 1.80
N GLU A 265 1.80 20.04 0.67
N GLU A 265 1.82 20.01 0.65
CA GLU A 265 0.40 20.48 0.66
CA GLU A 265 0.43 20.48 0.56
C GLU A 265 -0.54 19.35 1.08
C GLU A 265 -0.55 19.38 1.02
N PHE A 266 -0.32 18.16 0.52
CA PHE A 266 -1.14 16.99 0.85
C PHE A 266 -1.09 16.64 2.33
N VAL A 267 0.12 16.49 2.86
CA VAL A 267 0.28 16.20 4.29
C VAL A 267 -0.37 17.26 5.19
N ALA A 268 -0.11 18.54 4.91
CA ALA A 268 -0.72 19.64 5.67
C ALA A 268 -2.25 19.60 5.62
N ALA A 269 -2.82 19.39 4.43
CA ALA A 269 -4.28 19.37 4.24
C ALA A 269 -4.91 18.17 4.97
N TYR A 270 -4.27 17.02 4.84
CA TYR A 270 -4.72 15.81 5.51
C TYR A 270 -4.68 15.97 7.03
N LYS A 271 -3.56 16.49 7.56
CA LYS A 271 -3.43 16.74 9.00
C LYS A 271 -4.46 17.74 9.48
N LYS A 272 -4.65 18.80 8.69
CA LYS A 272 -5.64 19.82 9.05
C LYS A 272 -7.06 19.24 9.14
N GLU A 273 -7.41 18.37 8.19
CA GLU A 273 -8.78 17.85 8.12
C GLU A 273 -9.02 16.72 9.13
N PHE A 274 -8.04 15.84 9.30
CA PHE A 274 -8.23 14.62 10.09
C PHE A 274 -7.44 14.53 11.39
N GLY A 275 -6.51 15.45 11.61
CA GLY A 275 -5.72 15.49 12.84
C GLY A 275 -4.73 14.35 13.01
N GLN A 276 -4.31 13.76 11.89
CA GLN A 276 -3.44 12.57 11.88
C GLN A 276 -2.60 12.70 10.62
N ARG A 277 -1.40 12.14 10.66
CA ARG A 277 -0.52 12.07 9.49
C ARG A 277 -1.05 11.03 8.49
N PRO A 278 -1.09 11.34 7.17
CA PRO A 278 -1.50 10.26 6.25
C PRO A 278 -0.40 9.20 6.12
N GLY A 279 -0.77 7.94 5.98
CA GLY A 279 0.20 6.87 5.66
C GLY A 279 0.13 6.48 4.19
N PHE A 280 0.89 5.46 3.81
CA PHE A 280 0.93 5.03 2.43
C PHE A 280 -0.40 4.50 1.89
N ALA A 282 -3.30 5.92 2.60
CA ALA A 282 -4.04 7.17 2.26
C ALA A 282 -3.69 7.62 0.84
N VAL A 283 -2.42 7.56 0.47
N VAL A 283 -2.41 7.55 0.49
CA VAL A 283 -2.00 8.01 -0.85
CA VAL A 283 -1.95 7.96 -0.82
C VAL A 283 -2.45 7.07 -1.99
C VAL A 283 -2.52 7.08 -1.94
N GLY A 284 -2.55 5.76 -1.71
CA GLY A 284 -3.16 4.81 -2.65
C GLY A 284 -4.62 5.18 -2.94
N GLY A 285 -5.35 5.60 -1.90
CA GLY A 285 -6.74 6.07 -2.05
C GLY A 285 -6.84 7.39 -2.80
N TYR A 286 -5.97 8.34 -2.44
CA TYR A 286 -5.92 9.67 -3.06
C TYR A 286 -5.70 9.56 -4.57
N ASP A 287 -4.68 8.80 -4.97
CA ASP A 287 -4.39 8.58 -6.38
C ASP A 287 -5.41 7.72 -7.12
N GLY A 288 -6.04 6.78 -6.42
CA GLY A 288 -7.09 5.95 -7.01
C GLY A 288 -8.27 6.80 -7.46
N ILE A 289 -8.71 7.71 -6.58
CA ILE A 289 -9.83 8.58 -6.94
C ILE A 289 -9.43 9.62 -8.01
N HIS A 290 -8.18 10.13 -7.93
CA HIS A 290 -7.66 11.00 -8.98
C HIS A 290 -7.75 10.32 -10.31
N LEU A 291 -7.37 9.04 -10.34
CA LEU A 291 -7.39 8.25 -11.57
C LEU A 291 -8.78 8.16 -12.18
N VAL A 292 -9.78 7.92 -11.32
CA VAL A 292 -11.17 7.87 -11.76
C VAL A 292 -11.62 9.23 -12.32
N PHE A 293 -11.32 10.32 -11.60
CA PHE A 293 -11.69 11.67 -12.05
C PHE A 293 -11.06 11.97 -13.41
N GLU A 294 -9.77 11.71 -13.53
CA GLU A 294 -9.04 12.04 -14.76
C GLU A 294 -9.46 11.16 -15.94
N ALA A 295 -9.78 9.89 -15.66
CA ALA A 295 -10.27 8.97 -16.69
C ALA A 295 -11.59 9.45 -17.29
N LEU A 296 -12.53 9.81 -16.42
CA LEU A 296 -13.80 10.40 -16.84
C LEU A 296 -13.62 11.67 -17.65
N LYS A 297 -12.70 12.54 -17.21
CA LYS A 297 -12.35 13.74 -17.96
C LYS A 297 -11.89 13.35 -19.37
N LYS A 298 -11.00 12.37 -19.46
CA LYS A 298 -10.44 11.91 -20.73
C LYS A 298 -11.48 11.29 -21.67
N THR A 299 -12.46 10.57 -21.11
CA THR A 299 -13.54 9.97 -21.93
C THR A 299 -14.67 10.95 -22.22
N GLY A 300 -14.53 12.18 -21.73
CA GLY A 300 -15.58 13.19 -21.85
C GLY A 300 -16.88 12.78 -21.19
N GLY A 301 -16.78 12.00 -20.11
CA GLY A 301 -17.98 11.59 -19.37
C GLY A 301 -18.54 10.22 -19.69
N LYS A 302 -18.02 9.55 -20.73
CA LYS A 302 -18.40 8.17 -21.04
C LYS A 302 -18.02 7.27 -19.87
N ALA A 303 -18.99 6.51 -19.35
CA ALA A 303 -18.82 5.81 -18.08
C ALA A 303 -18.70 4.29 -18.18
N ASP A 304 -18.71 3.75 -19.40
CA ASP A 304 -18.60 2.29 -19.55
C ASP A 304 -17.18 1.84 -19.22
N GLY A 305 -17.06 0.62 -18.71
CA GLY A 305 -15.79 0.09 -18.25
C GLY A 305 -14.68 0.10 -19.28
N ASP A 306 -15.00 -0.28 -20.52
CA ASP A 306 -13.99 -0.36 -21.58
C ASP A 306 -13.38 1.01 -21.89
N SER A 307 -14.23 2.03 -22.03
CA SER A 307 -13.79 3.41 -22.22
C SER A 307 -12.90 3.87 -21.07
N LEU A 308 -13.32 3.58 -19.84
CA LEU A 308 -12.53 3.98 -18.66
C LEU A 308 -11.16 3.31 -18.63
N ILE A 309 -11.12 1.98 -18.83
CA ILE A 309 -9.83 1.25 -18.82
C ILE A 309 -8.87 1.79 -19.89
N ALA A 310 -9.40 2.03 -21.09
CA ALA A 310 -8.62 2.59 -22.19
C ALA A 310 -8.00 3.93 -21.78
N ALA A 311 -8.80 4.78 -21.13
CA ALA A 311 -8.33 6.09 -20.68
C ALA A 311 -7.26 6.00 -19.58
N LYS A 313 -5.05 3.48 -18.93
CA LYS A 313 -3.78 2.91 -19.43
C LYS A 313 -2.86 4.01 -19.96
N GLY A 314 -1.67 4.11 -19.39
CA GLY A 314 -0.69 5.11 -19.82
C GLY A 314 -0.80 6.48 -19.16
N LYS A 316 -0.29 9.38 -16.71
CA LYS A 316 0.87 9.78 -15.90
C LYS A 316 0.48 11.03 -15.13
N TRP A 317 0.91 11.13 -13.87
CA TRP A 317 0.68 12.36 -13.09
C TRP A 317 1.59 12.45 -11.90
N GLU A 318 1.65 13.63 -11.30
CA GLU A 318 2.39 13.80 -10.06
C GLU A 318 1.48 13.51 -8.87
N SER A 319 1.93 12.55 -8.05
CA SER A 319 1.29 12.15 -6.81
C SER A 319 2.07 12.80 -5.67
N PRO A 320 1.44 12.96 -4.48
CA PRO A 320 2.23 13.33 -3.30
C PRO A 320 3.47 12.44 -3.13
N ARG A 321 3.43 11.20 -3.64
CA ARG A 321 4.55 10.28 -3.46
C ARG A 321 5.71 10.48 -4.46
N GLY A 322 5.41 11.21 -5.54
CA GLY A 322 6.31 11.40 -6.68
C GLY A 322 5.57 11.15 -8.00
N PRO A 323 6.30 11.18 -9.13
CA PRO A 323 5.68 10.89 -10.44
C PRO A 323 5.26 9.44 -10.51
N ILE A 324 4.02 9.22 -10.94
CA ILE A 324 3.49 7.86 -11.11
C ILE A 324 2.74 7.74 -12.43
N SER A 325 2.56 6.49 -12.88
CA SER A 325 1.84 6.23 -14.11
C SER A 325 1.22 4.85 -14.05
N ILE A 326 0.24 4.61 -14.93
CA ILE A 326 -0.35 3.30 -15.10
C ILE A 326 0.26 2.68 -16.35
N ASP A 327 0.99 1.59 -16.16
CA ASP A 327 1.58 0.87 -17.27
C ASP A 327 0.49 0.47 -18.27
N PRO A 328 0.59 0.91 -19.54
CA PRO A 328 -0.48 0.53 -20.49
C PRO A 328 -0.53 -0.97 -20.77
N GLU A 329 0.56 -1.69 -20.56
CA GLU A 329 0.59 -3.14 -20.79
C GLU A 329 0.03 -3.98 -19.64
N THR A 330 0.22 -3.54 -18.41
CA THR A 330 -0.13 -4.40 -17.27
C THR A 330 -1.23 -3.83 -16.41
N ARG A 331 -1.53 -2.53 -16.61
CA ARG A 331 -2.47 -1.77 -15.77
C ARG A 331 -1.98 -1.62 -14.31
N ASP A 332 -0.70 -1.91 -14.07
CA ASP A 332 -0.17 -1.76 -12.71
C ASP A 332 0.56 -0.42 -12.57
N ILE A 333 0.77 0.00 -11.31
CA ILE A 333 1.40 1.29 -11.03
C ILE A 333 2.92 1.23 -11.27
N VAL A 334 3.44 2.23 -11.98
CA VAL A 334 4.87 2.44 -12.11
C VAL A 334 5.24 3.66 -11.28
N GLN A 335 6.24 3.53 -10.42
CA GLN A 335 6.53 4.59 -9.44
C GLN A 335 7.95 4.53 -8.92
N ASN A 336 8.44 5.65 -8.40
CA ASN A 336 9.72 5.65 -7.67
C ASN A 336 9.62 4.74 -6.45
N ILE A 337 10.73 4.08 -6.13
CA ILE A 337 10.86 3.41 -4.84
C ILE A 337 12.05 4.08 -4.12
N TYR A 338 11.83 4.50 -2.89
CA TYR A 338 12.83 5.22 -2.10
C TYR A 338 13.37 4.29 -1.03
N ILE A 339 14.61 4.50 -0.57
CA ILE A 339 15.06 3.86 0.65
C ILE A 339 15.10 4.95 1.71
N ARG A 340 14.62 4.61 2.90
CA ARG A 340 14.41 5.56 3.99
C ARG A 340 15.05 5.06 5.27
N LYS A 341 15.42 5.99 6.14
CA LYS A 341 15.85 5.67 7.50
C LYS A 341 14.90 6.42 8.45
N VAL A 342 14.47 5.77 9.54
CA VAL A 342 13.66 6.46 10.54
C VAL A 342 14.54 7.39 11.37
N GLU A 343 14.18 8.68 11.37
CA GLU A 343 14.91 9.74 12.09
C GLU A 343 13.87 10.62 12.78
N LYS A 344 14.30 11.33 13.81
CA LYS A 344 13.40 12.21 14.54
C LYS A 344 13.53 13.62 14.01
N VAL A 345 12.42 14.24 13.63
CA VAL A 345 12.44 15.63 13.15
C VAL A 345 11.30 16.36 13.86
N ASP A 346 11.64 17.49 14.49
CA ASP A 346 10.66 18.30 15.23
C ASP A 346 9.83 17.44 16.18
N GLY A 347 10.53 16.54 16.88
CA GLY A 347 9.90 15.69 17.90
C GLY A 347 9.18 14.45 17.37
N GLU A 348 9.10 14.27 16.06
CA GLU A 348 8.34 13.13 15.49
C GLU A 348 9.22 12.23 14.66
N LEU A 349 8.90 10.94 14.67
CA LEU A 349 9.62 9.99 13.82
C LEU A 349 9.09 10.05 12.38
N TYR A 350 10.01 10.04 11.41
CA TYR A 350 9.68 10.07 9.97
C TYR A 350 10.58 9.09 9.22
N ASN A 351 10.07 8.58 8.10
CA ASN A 351 10.87 7.83 7.14
C ASN A 351 11.59 8.81 6.23
N ILE A 352 12.84 9.14 6.54
CA ILE A 352 13.58 10.14 5.77
C ILE A 352 14.20 9.47 4.55
N GLU A 353 13.82 9.92 3.36
CA GLU A 353 14.25 9.30 2.11
C GLU A 353 15.71 9.68 1.85
N PHE A 354 16.54 8.70 1.50
CA PHE A 354 17.96 8.96 1.22
C PHE A 354 18.42 8.35 -0.10
N ALA A 355 17.55 7.58 -0.75
CA ALA A 355 17.86 6.97 -2.04
C ALA A 355 16.57 6.91 -2.86
N LYS A 356 16.72 6.92 -4.19
CA LYS A 356 15.56 6.97 -5.09
C LYS A 356 15.84 6.14 -6.35
N PHE A 357 14.97 5.18 -6.62
CA PHE A 357 15.01 4.41 -7.87
C PHE A 357 13.81 4.79 -8.71
N ASP A 358 14.06 5.25 -9.93
CA ASP A 358 13.02 5.93 -10.71
C ASP A 358 12.10 4.94 -11.42
N ALA A 359 10.80 5.21 -11.35
CA ALA A 359 9.81 4.55 -12.25
C ALA A 359 10.00 3.03 -12.29
N VAL A 360 9.87 2.41 -11.12
CA VAL A 360 10.07 0.97 -10.97
C VAL A 360 8.80 0.22 -11.41
N LYS A 361 8.90 -0.62 -12.44
CA LYS A 361 7.77 -1.48 -12.81
C LYS A 361 7.76 -2.70 -11.90
N ASP A 362 6.56 -3.22 -11.62
CA ASP A 362 6.44 -4.46 -10.84
C ASP A 362 7.39 -5.54 -11.35
N PRO A 363 8.39 -5.92 -10.52
CA PRO A 363 9.29 -7.03 -10.89
C PRO A 363 8.58 -8.38 -11.03
N GLY A 364 7.41 -8.53 -10.40
CA GLY A 364 6.60 -9.75 -10.54
C GLY A 364 6.04 -9.97 -11.94
N LYS A 365 6.16 -8.98 -12.82
CA LYS A 365 5.67 -9.11 -14.19
C LYS A 365 6.72 -8.81 -15.27
N THR A 366 7.81 -8.12 -14.92
CA THR A 366 8.83 -7.72 -15.92
C THR A 366 9.48 -8.90 -16.63
#